data_1UZW
#
_entry.id   1UZW
#
_cell.length_a   46.228
_cell.length_b   70.595
_cell.length_c   100.639
_cell.angle_alpha   90.00
_cell.angle_beta   90.00
_cell.angle_gamma   90.00
#
_symmetry.space_group_name_H-M   'P 21 21 21'
#
loop_
_entity.id
_entity.type
_entity.pdbx_description
1 polymer 'ISOPENICILLIN N SYNTHETASE'
2 non-polymer 'FE (II) ION'
3 non-polymer D-(L-A-AMINOADIPOYL)-L-CYSTEINYL-D-ISODEHYDROVALINE
4 non-polymer 'SULFATE ION'
5 water water
#
_entity_poly.entity_id   1
_entity_poly.type   'polypeptide(L)'
_entity_poly.pdbx_seq_one_letter_code
;MGSVSKANVPKIDVSPLFGDDQAAKMRVAQQIDAASRDTGFFYAVNHGINVQRLSQKTKEFHMSITPEEKWDLAIRAYNK
EHQDQVRAGYYLSIPGKKAVESFCYLNPNFTPDHPRIQAKTPTHEVNVWPDETKHPGFQDFAEQYYWDVFGLSSALLKGY
ALALGKEENFFARHFKPDDTLASVVLIRYPYLDPYPEAAIKTAADGTKLSFEWHEDVSLITVLYQSNVQNLQVETAAGYQ
DIEADDTGYLINCGSYMAHLTNNYYKAPIHRVKWVNAERQSLPFFVNLGYDSVIDPFDPREPNGKSDREPLSYGDYLQNG
LVSLINKNGQT
;
_entity_poly.pdbx_strand_id   A
#
loop_
_chem_comp.id
_chem_comp.type
_chem_comp.name
_chem_comp.formula
CDH non-polymer D-(L-A-AMINOADIPOYL)-L-CYSTEINYL-D-ISODEHYDROVALINE 'C14 H23 N3 O6 S'
FE2 non-polymer 'FE (II) ION' 'Fe 2'
SO4 non-polymer 'SULFATE ION' 'O4 S -2'
#
# COMPACT_ATOMS: atom_id res chain seq x y z
N SER A 3 -13.49 17.57 18.92
CA SER A 3 -12.74 17.04 17.75
C SER A 3 -11.88 15.86 18.16
N VAL A 4 -11.48 15.09 17.15
CA VAL A 4 -10.47 14.06 17.34
C VAL A 4 -9.09 14.69 17.58
N SER A 5 -8.31 14.06 18.45
CA SER A 5 -6.93 14.43 18.67
C SER A 5 -6.05 14.05 17.46
N LYS A 6 -4.87 14.65 17.40
CA LYS A 6 -3.89 14.38 16.36
C LYS A 6 -3.08 13.16 16.77
N ALA A 7 -2.90 12.20 15.87
CA ALA A 7 -2.07 11.05 16.13
C ALA A 7 -0.61 11.45 16.12
N ASN A 8 0.16 10.76 16.93
CA ASN A 8 1.61 10.86 16.94
C ASN A 8 2.15 10.12 15.73
N VAL A 9 2.55 10.86 14.71
CA VAL A 9 3.13 10.29 13.49
C VAL A 9 4.48 11.00 13.29
N PRO A 10 5.54 10.42 13.79
CA PRO A 10 6.83 11.09 13.70
C PRO A 10 7.37 11.09 12.29
N LYS A 11 8.18 12.07 11.96
CA LYS A 11 8.92 12.13 10.71
C LYS A 11 10.26 11.50 10.97
N ILE A 12 10.66 10.50 10.22
CA ILE A 12 11.91 9.78 10.36
C ILE A 12 12.73 9.96 9.12
N ASP A 13 13.96 10.47 9.26
CA ASP A 13 14.88 10.63 8.15
C ASP A 13 15.45 9.24 7.88
N VAL A 14 15.04 8.63 6.77
CA VAL A 14 15.43 7.25 6.43
C VAL A 14 16.66 7.15 5.54
N SER A 15 17.26 8.29 5.21
CA SER A 15 18.37 8.28 4.30
C SER A 15 19.54 7.38 4.76
N PRO A 16 19.83 7.22 6.06
CA PRO A 16 20.89 6.27 6.40
C PRO A 16 20.65 4.85 5.93
N LEU A 17 19.40 4.43 5.71
CA LEU A 17 19.10 3.08 5.29
C LEU A 17 19.55 2.77 3.88
N PHE A 18 19.93 3.81 3.14
CA PHE A 18 20.47 3.63 1.79
C PHE A 18 21.99 3.55 1.79
N GLY A 19 22.62 3.79 2.92
CA GLY A 19 24.09 3.80 2.96
C GLY A 19 24.76 2.72 3.81
N ASP A 20 25.98 3.00 4.25
CA ASP A 20 26.80 1.96 4.91
C ASP A 20 27.28 2.34 6.34
N ASP A 21 26.60 3.28 6.98
CA ASP A 21 26.90 3.71 8.33
C ASP A 21 25.97 2.87 9.19
N GLN A 22 26.47 1.71 9.61
CA GLN A 22 25.64 0.78 10.39
C GLN A 22 25.06 1.41 11.66
N ALA A 23 25.80 2.23 12.40
CA ALA A 23 25.32 2.80 13.64
C ALA A 23 24.16 3.75 13.42
N ALA A 24 24.27 4.50 12.30
CA ALA A 24 23.22 5.44 11.95
C ALA A 24 21.95 4.68 11.55
N LYS A 25 22.13 3.56 10.90
CA LYS A 25 21.00 2.69 10.55
C LYS A 25 20.31 2.18 11.80
N MET A 26 21.09 1.85 12.84
CA MET A 26 20.47 1.41 14.09
C MET A 26 19.65 2.54 14.71
N ARG A 27 20.13 3.80 14.64
CA ARG A 27 19.36 4.89 15.21
C ARG A 27 18.05 5.11 14.44
N VAL A 28 18.07 4.87 13.11
CA VAL A 28 16.80 4.89 12.34
C VAL A 28 15.88 3.73 12.79
N ALA A 29 16.48 2.54 12.94
CA ALA A 29 15.72 1.36 13.33
C ALA A 29 14.99 1.61 14.67
N GLN A 30 15.66 2.30 15.58
CA GLN A 30 15.01 2.56 16.86
C GLN A 30 13.78 3.43 16.71
N GLN A 31 13.86 4.40 15.83
CA GLN A 31 12.74 5.28 15.54
C GLN A 31 11.59 4.52 14.93
N ILE A 32 11.90 3.59 14.01
CA ILE A 32 10.88 2.73 13.43
C ILE A 32 10.27 1.87 14.51
N ASP A 33 11.10 1.29 15.37
CA ASP A 33 10.57 0.48 16.49
C ASP A 33 9.58 1.26 17.35
N ALA A 34 9.97 2.46 17.75
CA ALA A 34 9.14 3.28 18.61
C ALA A 34 7.81 3.63 17.91
N ALA A 35 7.88 3.99 16.64
CA ALA A 35 6.64 4.37 15.93
C ALA A 35 5.75 3.14 15.77
N SER A 36 6.34 1.98 15.50
CA SER A 36 5.59 0.78 15.28
C SER A 36 4.92 0.28 16.56
N ARG A 37 5.53 0.56 17.71
CA ARG A 37 4.96 0.18 19.00
C ARG A 37 3.92 1.19 19.48
N ASP A 38 3.88 2.37 18.91
CA ASP A 38 2.96 3.47 19.32
C ASP A 38 1.73 3.45 18.41
N THR A 39 1.58 4.41 17.51
CA THR A 39 0.37 4.44 16.69
C THR A 39 0.48 3.53 15.51
N GLY A 40 1.70 3.15 15.12
CA GLY A 40 1.82 2.29 14.00
C GLY A 40 2.07 3.00 12.68
N PHE A 41 2.18 4.28 12.70
CA PHE A 41 2.43 5.07 11.50
C PHE A 41 3.61 5.97 11.68
N PHE A 42 4.37 6.22 10.62
CA PHE A 42 5.40 7.28 10.60
C PHE A 42 5.51 7.83 9.21
N TYR A 43 6.08 9.01 9.08
CA TYR A 43 6.43 9.55 7.77
C TYR A 43 7.89 9.34 7.51
N ALA A 44 8.22 8.72 6.39
CA ALA A 44 9.59 8.56 5.94
C ALA A 44 9.93 9.83 5.14
N VAL A 45 10.97 10.54 5.56
CA VAL A 45 11.45 11.74 4.87
C VAL A 45 12.89 11.50 4.43
N ASN A 46 13.36 12.35 3.52
CA ASN A 46 14.66 12.14 2.90
C ASN A 46 14.78 10.80 2.20
N HIS A 47 13.69 10.47 1.53
CA HIS A 47 13.50 9.18 0.87
C HIS A 47 14.02 9.07 -0.56
N GLY A 48 14.35 10.22 -1.16
CA GLY A 48 14.95 10.28 -2.48
C GLY A 48 14.00 10.17 -3.65
N ILE A 49 12.71 9.97 -3.43
CA ILE A 49 11.79 9.85 -4.56
C ILE A 49 11.17 11.20 -4.93
N ASN A 50 11.02 11.42 -6.23
CA ASN A 50 10.42 12.65 -6.76
C ASN A 50 8.89 12.51 -6.76
N VAL A 51 8.28 12.79 -5.61
CA VAL A 51 6.85 12.60 -5.44
C VAL A 51 6.02 13.66 -6.15
N GLN A 52 6.58 14.84 -6.36
CA GLN A 52 5.84 15.81 -7.09
C GLN A 52 5.67 15.35 -8.54
N ARG A 53 6.71 14.77 -9.11
CA ARG A 53 6.61 14.29 -10.49
C ARG A 53 5.63 13.13 -10.55
N LEU A 54 5.69 12.24 -9.57
CA LEU A 54 4.71 11.16 -9.46
C LEU A 54 3.30 11.73 -9.50
N SER A 55 3.05 12.72 -8.69
CA SER A 55 1.71 13.32 -8.62
C SER A 55 1.30 13.96 -9.96
N GLN A 56 2.23 14.64 -10.60
CA GLN A 56 1.94 15.29 -11.87
C GLN A 56 1.61 14.26 -12.95
N LYS A 57 2.43 13.22 -13.05
CA LYS A 57 2.19 12.20 -14.05
C LYS A 57 0.89 11.44 -13.82
N THR A 58 0.58 11.19 -12.56
CA THR A 58 -0.65 10.50 -12.17
C THR A 58 -1.84 11.39 -12.49
N LYS A 59 -1.75 12.68 -12.20
CA LYS A 59 -2.84 13.58 -12.53
C LYS A 59 -3.07 13.65 -14.04
N GLU A 60 -2.01 13.72 -14.84
CA GLU A 60 -2.17 13.76 -16.29
C GLU A 60 -2.93 12.50 -16.76
N PHE A 61 -2.60 11.33 -16.21
CA PHE A 61 -3.29 10.08 -16.52
C PHE A 61 -4.75 10.09 -16.10
N HIS A 62 -5.03 10.39 -14.83
CA HIS A 62 -6.40 10.34 -14.33
C HIS A 62 -7.31 11.30 -15.04
N MET A 63 -6.79 12.45 -15.40
CA MET A 63 -7.64 13.50 -15.96
C MET A 63 -7.80 13.33 -17.45
N SER A 64 -7.00 12.52 -18.11
CA SER A 64 -7.09 12.35 -19.57
C SER A 64 -7.68 11.03 -20.00
N ILE A 65 -7.65 9.99 -19.16
CA ILE A 65 -8.25 8.73 -19.55
C ILE A 65 -9.78 8.87 -19.74
N THR A 66 -10.30 8.21 -20.76
CA THR A 66 -11.72 8.34 -21.15
C THR A 66 -12.48 7.14 -20.72
N PRO A 67 -13.81 7.25 -20.70
CA PRO A 67 -14.64 6.11 -20.35
C PRO A 67 -14.42 4.87 -21.20
N GLU A 68 -14.19 5.12 -22.49
CA GLU A 68 -13.90 4.06 -23.39
C GLU A 68 -12.69 3.26 -22.90
N GLU A 69 -11.60 3.98 -22.58
CA GLU A 69 -10.36 3.32 -22.14
C GLU A 69 -10.51 2.61 -20.81
N LYS A 70 -11.33 3.16 -19.95
CA LYS A 70 -11.57 2.53 -18.65
C LYS A 70 -12.20 1.17 -18.83
N TRP A 71 -13.22 1.05 -19.70
CA TRP A 71 -13.75 -0.30 -19.94
C TRP A 71 -12.74 -1.26 -20.51
N ASP A 72 -11.93 -0.72 -21.43
CA ASP A 72 -10.95 -1.54 -22.10
C ASP A 72 -9.82 -2.00 -21.24
N LEU A 73 -9.64 -1.35 -20.08
CA LEU A 73 -8.62 -1.72 -19.08
C LEU A 73 -9.19 -2.35 -17.85
N ALA A 74 -10.51 -2.49 -17.76
CA ALA A 74 -11.18 -2.83 -16.51
C ALA A 74 -10.87 -4.18 -15.97
N ILE A 75 -10.81 -4.30 -14.64
CA ILE A 75 -10.73 -5.60 -14.04
C ILE A 75 -12.03 -6.37 -14.25
N ARG A 76 -12.00 -7.65 -13.93
CA ARG A 76 -13.12 -8.59 -14.07
C ARG A 76 -14.37 -8.19 -13.31
N ALA A 77 -14.23 -7.53 -12.19
CA ALA A 77 -15.38 -7.11 -11.43
C ALA A 77 -16.27 -6.14 -12.22
N TYR A 78 -15.69 -5.43 -13.17
CA TYR A 78 -16.43 -4.48 -14.00
C TYR A 78 -16.58 -4.90 -15.39
N ASN A 79 -15.81 -5.85 -15.88
CA ASN A 79 -15.84 -6.27 -17.29
C ASN A 79 -15.64 -7.78 -17.37
N LYS A 80 -16.73 -8.54 -17.57
CA LYS A 80 -16.67 -10.02 -17.61
C LYS A 80 -15.75 -10.58 -18.72
N GLU A 81 -15.46 -9.79 -19.72
CA GLU A 81 -14.57 -10.25 -20.79
C GLU A 81 -13.12 -10.41 -20.33
N HIS A 82 -12.77 -9.81 -19.21
CA HIS A 82 -11.38 -9.77 -18.74
C HIS A 82 -11.12 -10.71 -17.56
N GLN A 83 -11.35 -12.01 -17.75
CA GLN A 83 -11.29 -12.99 -16.68
C GLN A 83 -9.91 -13.14 -16.04
N ASP A 84 -8.86 -12.78 -16.76
CA ASP A 84 -7.51 -12.86 -16.17
C ASP A 84 -7.16 -11.66 -15.28
N GLN A 85 -7.93 -10.57 -15.36
CA GLN A 85 -7.65 -9.37 -14.60
C GLN A 85 -8.38 -9.34 -13.32
N VAL A 86 -7.79 -9.90 -12.30
CA VAL A 86 -8.34 -9.84 -11.01
C VAL A 86 -7.85 -8.64 -10.24
N ARG A 87 -6.54 -8.41 -10.25
CA ARG A 87 -5.84 -7.37 -9.49
C ARG A 87 -5.50 -6.18 -10.37
N ALA A 88 -4.91 -6.42 -11.55
CA ALA A 88 -4.31 -5.38 -12.35
C ALA A 88 -5.31 -4.80 -13.33
N GLY A 89 -5.41 -3.50 -13.41
CA GLY A 89 -6.27 -2.80 -14.34
C GLY A 89 -7.02 -1.69 -13.69
N TYR A 90 -8.07 -1.28 -14.38
CA TYR A 90 -8.88 -0.13 -13.99
C TYR A 90 -10.06 -0.58 -13.14
N TYR A 91 -10.29 0.18 -12.06
CA TYR A 91 -11.37 0.01 -11.11
C TYR A 91 -12.29 1.22 -11.33
N LEU A 92 -13.45 1.03 -11.94
CA LEU A 92 -14.28 2.17 -12.29
C LEU A 92 -15.04 2.75 -11.12
N SER A 93 -15.32 4.06 -11.22
CA SER A 93 -16.28 4.68 -10.35
C SER A 93 -17.66 4.32 -10.85
N ILE A 94 -18.64 4.46 -9.98
CA ILE A 94 -20.03 4.27 -10.38
C ILE A 94 -20.72 5.59 -10.00
N PRO A 95 -20.80 6.54 -10.91
CA PRO A 95 -21.33 7.88 -10.63
C PRO A 95 -22.65 7.76 -9.83
N GLY A 96 -22.79 8.52 -8.74
CA GLY A 96 -23.99 8.44 -7.90
C GLY A 96 -23.89 7.41 -6.82
N LYS A 97 -22.93 6.51 -6.86
CA LYS A 97 -22.88 5.41 -5.92
C LYS A 97 -21.47 5.13 -5.33
N LYS A 98 -20.44 5.14 -6.16
CA LYS A 98 -19.05 4.82 -5.77
C LYS A 98 -18.21 5.90 -6.41
N ALA A 99 -17.65 6.79 -5.61
CA ALA A 99 -16.96 7.93 -6.16
C ALA A 99 -15.54 7.64 -6.60
N VAL A 100 -14.85 6.82 -5.88
CA VAL A 100 -13.44 6.57 -6.10
C VAL A 100 -13.23 5.72 -7.36
N GLU A 101 -12.13 5.95 -8.05
CA GLU A 101 -11.69 5.10 -9.15
C GLU A 101 -10.19 4.93 -9.04
N SER A 102 -9.64 3.88 -9.64
CA SER A 102 -8.23 3.61 -9.51
C SER A 102 -7.68 2.78 -10.61
N PHE A 103 -6.37 2.76 -10.73
CA PHE A 103 -5.64 1.92 -11.66
C PHE A 103 -4.54 1.18 -10.90
N CYS A 104 -4.54 -0.14 -10.91
CA CYS A 104 -3.55 -1.00 -10.22
C CYS A 104 -2.62 -1.63 -11.22
N TYR A 105 -1.36 -1.69 -10.86
CA TYR A 105 -0.41 -2.47 -11.61
C TYR A 105 0.49 -3.20 -10.64
N LEU A 106 1.05 -4.29 -11.13
CA LEU A 106 1.88 -5.25 -10.45
C LEU A 106 3.33 -5.17 -10.95
N ASN A 107 4.13 -6.11 -10.49
CA ASN A 107 5.52 -6.25 -10.92
C ASN A 107 5.64 -6.19 -12.43
N PRO A 108 6.39 -5.23 -13.01
CA PRO A 108 6.63 -5.22 -14.46
C PRO A 108 7.33 -6.49 -15.00
N ASN A 109 7.98 -7.26 -14.14
CA ASN A 109 8.62 -8.50 -14.57
C ASN A 109 7.62 -9.62 -14.73
N PHE A 110 6.36 -9.42 -14.41
CA PHE A 110 5.35 -10.45 -14.67
C PHE A 110 4.93 -10.34 -16.12
N THR A 111 5.73 -10.90 -16.98
CA THR A 111 5.58 -10.86 -18.42
C THR A 111 5.00 -12.21 -18.85
N PRO A 112 4.60 -12.32 -20.12
CA PRO A 112 3.96 -13.57 -20.56
C PRO A 112 4.80 -14.81 -20.37
N ASP A 113 6.12 -14.71 -20.42
CA ASP A 113 7.01 -15.83 -20.25
C ASP A 113 7.43 -16.07 -18.81
N HIS A 114 6.96 -15.26 -17.86
CA HIS A 114 7.38 -15.48 -16.47
C HIS A 114 6.84 -16.84 -16.00
N PRO A 115 7.64 -17.61 -15.26
CA PRO A 115 7.18 -18.94 -14.86
C PRO A 115 5.87 -18.96 -14.10
N ARG A 116 5.59 -17.94 -13.26
CA ARG A 116 4.34 -17.88 -12.50
C ARG A 116 3.18 -17.47 -13.34
N ILE A 117 3.42 -16.72 -14.40
CA ILE A 117 2.37 -16.37 -15.34
C ILE A 117 2.05 -17.57 -16.21
N GLN A 118 3.05 -18.29 -16.66
CA GLN A 118 2.83 -19.51 -17.45
C GLN A 118 2.03 -20.48 -16.61
N ALA A 119 2.35 -20.64 -15.36
CA ALA A 119 1.57 -21.55 -14.50
C ALA A 119 0.16 -21.07 -14.13
N LYS A 120 -0.11 -19.81 -14.38
CA LYS A 120 -1.38 -19.20 -13.95
C LYS A 120 -1.51 -19.22 -12.42
N THR A 121 -0.45 -19.02 -11.70
CA THR A 121 -0.49 -19.01 -10.27
C THR A 121 -1.33 -17.84 -9.74
N PRO A 122 -2.19 -18.09 -8.78
CA PRO A 122 -2.97 -17.01 -8.19
C PRO A 122 -2.11 -15.84 -7.73
N THR A 123 -2.72 -14.69 -7.90
CA THR A 123 -2.20 -13.35 -7.54
C THR A 123 -1.17 -12.82 -8.52
N HIS A 124 -0.76 -13.58 -9.52
CA HIS A 124 0.15 -13.10 -10.55
C HIS A 124 -0.61 -12.79 -11.81
N GLU A 125 -0.38 -11.65 -12.42
CA GLU A 125 -1.03 -11.23 -13.65
C GLU A 125 -0.09 -10.37 -14.44
N VAL A 126 -0.27 -10.29 -15.75
CA VAL A 126 0.46 -9.36 -16.60
C VAL A 126 -0.27 -8.02 -16.62
N ASN A 127 0.43 -6.95 -16.35
CA ASN A 127 -0.14 -5.63 -16.39
C ASN A 127 -0.77 -5.28 -17.69
N VAL A 128 -1.84 -4.51 -17.61
CA VAL A 128 -2.49 -3.87 -18.78
C VAL A 128 -2.25 -2.37 -18.75
N TRP A 129 -2.05 -1.79 -19.92
CA TRP A 129 -1.71 -0.40 -20.04
C TRP A 129 -2.54 0.28 -21.12
N PRO A 130 -2.80 1.59 -20.97
CA PRO A 130 -3.52 2.32 -22.01
C PRO A 130 -2.62 2.44 -23.25
N ASP A 131 -3.19 2.91 -24.34
CA ASP A 131 -2.49 3.12 -25.58
C ASP A 131 -1.41 4.18 -25.39
N GLU A 132 -0.22 3.87 -25.87
CA GLU A 132 0.91 4.79 -25.77
C GLU A 132 0.65 6.17 -26.41
N THR A 133 -0.02 6.21 -27.57
CA THR A 133 -0.27 7.49 -28.24
C THR A 133 -1.22 8.37 -27.45
N LYS A 134 -2.15 7.78 -26.71
CA LYS A 134 -3.07 8.55 -25.89
C LYS A 134 -2.46 8.98 -24.56
N HIS A 135 -1.47 8.19 -24.11
CA HIS A 135 -0.80 8.50 -22.82
C HIS A 135 0.68 8.40 -22.96
N PRO A 136 1.30 9.29 -23.72
CA PRO A 136 2.73 9.17 -24.02
C PRO A 136 3.53 9.20 -22.74
N GLY A 137 4.41 8.23 -22.62
CA GLY A 137 5.35 8.14 -21.50
C GLY A 137 4.77 7.54 -20.25
N PHE A 138 3.47 7.34 -20.17
CA PHE A 138 2.88 6.88 -18.90
C PHE A 138 3.37 5.50 -18.47
N GLN A 139 3.33 4.51 -19.35
CA GLN A 139 3.79 3.19 -18.94
C GLN A 139 5.22 3.25 -18.50
N ASP A 140 6.10 3.94 -19.21
CA ASP A 140 7.51 3.99 -18.86
C ASP A 140 7.66 4.63 -17.49
N PHE A 141 6.93 5.70 -17.26
CA PHE A 141 6.99 6.42 -16.00
C PHE A 141 6.53 5.48 -14.87
N ALA A 142 5.40 4.85 -15.05
CA ALA A 142 4.80 4.05 -14.02
C ALA A 142 5.65 2.84 -13.67
N GLU A 143 6.29 2.25 -14.66
CA GLU A 143 7.17 1.09 -14.40
C GLU A 143 8.37 1.56 -13.62
N GLN A 144 8.96 2.69 -14.00
CA GLN A 144 10.11 3.20 -13.28
C GLN A 144 9.72 3.58 -11.84
N TYR A 145 8.51 4.11 -11.67
CA TYR A 145 8.06 4.44 -10.33
C TYR A 145 8.02 3.18 -9.48
N TYR A 146 7.54 2.09 -10.03
CA TYR A 146 7.53 0.80 -9.31
C TYR A 146 8.90 0.51 -8.78
N TRP A 147 9.94 0.68 -9.62
CA TRP A 147 11.29 0.35 -9.15
C TRP A 147 11.84 1.37 -8.14
N ASP A 148 11.48 2.64 -8.28
CA ASP A 148 11.90 3.66 -7.32
C ASP A 148 11.28 3.36 -5.96
N VAL A 149 9.98 3.05 -5.89
CA VAL A 149 9.36 2.76 -4.61
C VAL A 149 9.76 1.38 -4.10
N PHE A 150 10.07 0.44 -4.99
CA PHE A 150 10.67 -0.83 -4.57
C PHE A 150 11.97 -0.55 -3.83
N GLY A 151 12.78 0.34 -4.37
CA GLY A 151 14.07 0.67 -3.73
C GLY A 151 13.88 1.30 -2.35
N LEU A 152 12.95 2.22 -2.21
CA LEU A 152 12.67 2.80 -0.91
C LEU A 152 12.18 1.72 0.03
N SER A 153 11.28 0.87 -0.45
CA SER A 153 10.73 -0.20 0.39
C SER A 153 11.82 -1.16 0.84
N SER A 154 12.75 -1.48 0.02
CA SER A 154 13.83 -2.37 0.41
C SER A 154 14.60 -1.72 1.53
N ALA A 155 14.91 -0.44 1.41
CA ALA A 155 15.58 0.27 2.50
C ALA A 155 14.76 0.23 3.76
N LEU A 156 13.47 0.53 3.70
CA LEU A 156 12.62 0.47 4.86
C LEU A 156 12.60 -0.89 5.52
N LEU A 157 12.57 -1.94 4.71
CA LEU A 157 12.60 -3.31 5.22
C LEU A 157 13.90 -3.58 5.95
N LYS A 158 15.02 -3.01 5.55
CA LYS A 158 16.26 -3.17 6.29
C LYS A 158 16.10 -2.51 7.67
N GLY A 159 15.45 -1.33 7.75
CA GLY A 159 15.23 -0.71 9.03
C GLY A 159 14.29 -1.54 9.91
N TYR A 160 13.22 -2.11 9.37
CA TYR A 160 12.32 -2.95 10.19
C TYR A 160 13.07 -4.19 10.70
N ALA A 161 13.89 -4.80 9.87
CA ALA A 161 14.67 -5.95 10.29
C ALA A 161 15.59 -5.59 11.43
N LEU A 162 16.35 -4.53 11.33
CA LEU A 162 17.25 -4.12 12.40
C LEU A 162 16.45 -3.81 13.63
N ALA A 163 15.30 -3.19 13.50
CA ALA A 163 14.41 -2.83 14.61
C ALA A 163 13.97 -4.04 15.39
N LEU A 164 13.82 -5.19 14.71
CA LEU A 164 13.33 -6.40 15.36
C LEU A 164 14.47 -7.28 15.86
N GLY A 165 15.71 -6.82 15.83
CA GLY A 165 16.81 -7.61 16.29
C GLY A 165 17.39 -8.56 15.30
N LYS A 166 17.07 -8.40 14.01
CA LYS A 166 17.51 -9.29 12.94
C LYS A 166 18.60 -8.63 12.14
N GLU A 167 19.22 -9.43 11.26
CA GLU A 167 20.14 -8.91 10.26
C GLU A 167 19.36 -8.08 9.23
N GLU A 168 20.01 -7.13 8.56
CA GLU A 168 19.25 -6.18 7.75
C GLU A 168 18.57 -6.80 6.56
N ASN A 169 18.99 -7.99 6.09
CA ASN A 169 18.31 -8.64 4.94
C ASN A 169 17.21 -9.60 5.37
N PHE A 170 16.79 -9.59 6.60
CA PHE A 170 15.83 -10.58 7.05
C PHE A 170 14.51 -10.59 6.27
N PHE A 171 13.96 -9.40 6.00
CA PHE A 171 12.79 -9.29 5.10
C PHE A 171 13.21 -9.12 3.67
N ALA A 172 14.20 -8.29 3.43
CA ALA A 172 14.58 -7.89 2.07
C ALA A 172 15.01 -9.06 1.22
N ARG A 173 15.54 -10.15 1.80
CA ARG A 173 15.95 -11.29 0.98
C ARG A 173 14.74 -11.98 0.33
N HIS A 174 13.54 -11.75 0.80
CA HIS A 174 12.32 -12.32 0.25
C HIS A 174 11.58 -11.30 -0.65
N PHE A 175 12.17 -10.15 -0.83
CA PHE A 175 11.56 -9.02 -1.60
C PHE A 175 12.48 -8.79 -2.78
N LYS A 176 12.13 -9.44 -3.90
CA LYS A 176 13.02 -9.56 -5.06
C LYS A 176 12.37 -9.06 -6.32
N PRO A 177 13.12 -8.38 -7.17
CA PRO A 177 12.52 -7.90 -8.41
C PRO A 177 11.89 -8.95 -9.27
N ASP A 178 12.41 -10.15 -9.28
CA ASP A 178 11.87 -11.13 -10.18
C ASP A 178 10.56 -11.69 -9.73
N ASP A 179 10.21 -11.59 -8.46
CA ASP A 179 9.02 -12.30 -7.97
C ASP A 179 8.09 -11.56 -7.03
N THR A 180 8.44 -10.34 -6.61
CA THR A 180 7.58 -9.65 -5.65
C THR A 180 6.16 -9.50 -6.16
N LEU A 181 5.22 -9.75 -5.25
CA LEU A 181 3.79 -9.58 -5.43
C LEU A 181 3.28 -8.16 -5.08
N ALA A 182 4.21 -7.24 -4.94
CA ALA A 182 3.86 -5.86 -4.60
C ALA A 182 3.07 -5.16 -5.67
N SER A 183 2.17 -4.30 -5.26
CA SER A 183 1.33 -3.55 -6.18
C SER A 183 1.38 -2.06 -5.96
N VAL A 184 1.26 -1.30 -7.03
CA VAL A 184 1.01 0.14 -6.97
C VAL A 184 -0.47 0.35 -7.30
N VAL A 185 -1.16 1.23 -6.56
CA VAL A 185 -2.50 1.62 -6.90
C VAL A 185 -2.55 3.14 -7.03
N LEU A 186 -3.01 3.63 -8.16
CA LEU A 186 -3.17 5.05 -8.43
C LEU A 186 -4.62 5.40 -8.23
N ILE A 187 -4.97 5.82 -7.03
CA ILE A 187 -6.36 6.13 -6.66
C ILE A 187 -6.69 7.59 -6.87
N ARG A 188 -7.81 7.85 -7.49
CA ARG A 188 -8.41 9.17 -7.67
C ARG A 188 -9.63 9.28 -6.80
N TYR A 189 -9.61 10.22 -5.87
CA TYR A 189 -10.79 10.65 -5.12
C TYR A 189 -11.26 11.95 -5.78
N PRO A 190 -12.49 12.04 -6.24
CA PRO A 190 -12.97 13.25 -6.94
C PRO A 190 -13.59 14.31 -6.06
N TYR A 191 -13.56 15.54 -6.57
CA TYR A 191 -14.46 16.61 -6.07
C TYR A 191 -15.77 16.43 -6.84
N LEU A 192 -16.88 16.41 -6.14
CA LEU A 192 -18.21 16.27 -6.71
C LEU A 192 -19.20 17.23 -6.09
N ASP A 193 -19.95 17.95 -6.92
CA ASP A 193 -20.94 18.92 -6.42
C ASP A 193 -22.23 18.70 -7.20
N PRO A 194 -23.24 18.07 -6.59
CA PRO A 194 -23.24 17.65 -5.19
C PRO A 194 -22.55 16.28 -5.06
N TYR A 195 -22.18 15.92 -3.86
CA TYR A 195 -21.52 14.64 -3.63
C TYR A 195 -22.60 13.65 -3.25
N PRO A 196 -22.74 12.57 -3.98
CA PRO A 196 -23.86 11.64 -3.69
C PRO A 196 -23.70 10.94 -2.34
N GLU A 197 -24.76 10.99 -1.57
CA GLU A 197 -24.80 10.34 -0.26
C GLU A 197 -24.52 8.86 -0.33
N ALA A 198 -24.93 8.20 -1.40
CA ALA A 198 -24.71 6.78 -1.51
C ALA A 198 -23.25 6.45 -1.56
N ALA A 199 -22.43 7.45 -1.90
CA ALA A 199 -20.99 7.29 -2.02
C ALA A 199 -20.24 7.66 -0.75
N ILE A 200 -21.01 8.01 0.30
CA ILE A 200 -20.48 8.37 1.61
C ILE A 200 -20.95 7.35 2.63
N LYS A 201 -20.02 6.76 3.34
CA LYS A 201 -20.32 5.80 4.35
C LYS A 201 -20.30 6.52 5.65
N THR A 202 -20.93 5.93 6.64
CA THR A 202 -20.99 6.56 7.95
C THR A 202 -20.48 5.58 9.03
N ALA A 203 -19.49 6.01 9.85
CA ALA A 203 -18.92 5.18 10.93
C ALA A 203 -19.87 5.13 12.10
N ALA A 204 -19.67 4.18 13.02
CA ALA A 204 -20.54 4.11 14.18
C ALA A 204 -20.45 5.38 15.00
N ASP A 205 -19.29 6.04 15.03
CA ASP A 205 -19.15 7.32 15.74
C ASP A 205 -19.69 8.52 14.92
N GLY A 206 -20.25 8.29 13.74
CA GLY A 206 -20.87 9.37 12.97
C GLY A 206 -19.97 9.98 11.91
N THR A 207 -18.68 9.62 11.95
CA THR A 207 -17.72 10.17 11.00
C THR A 207 -18.08 9.75 9.62
N LYS A 208 -18.12 10.71 8.69
CA LYS A 208 -18.34 10.40 7.30
C LYS A 208 -17.04 9.85 6.70
N LEU A 209 -17.16 8.74 5.99
CA LEU A 209 -16.02 7.96 5.47
C LEU A 209 -16.12 7.67 4.03
N SER A 210 -14.99 7.53 3.35
CA SER A 210 -14.93 6.96 2.04
C SER A 210 -14.61 5.48 2.10
N PHE A 211 -13.92 5.03 3.15
CA PHE A 211 -13.47 3.62 3.27
C PHE A 211 -13.42 3.32 4.74
N GLU A 212 -14.06 2.20 5.09
CA GLU A 212 -14.20 1.79 6.48
C GLU A 212 -12.91 1.21 7.11
N TRP A 213 -12.99 0.98 8.39
CA TRP A 213 -11.87 0.50 9.16
C TRP A 213 -11.34 -0.81 8.60
N HIS A 214 -10.02 -0.99 8.65
CA HIS A 214 -9.38 -2.19 8.17
C HIS A 214 -7.96 -2.15 8.66
N GLU A 215 -7.37 -3.35 8.57
CA GLU A 215 -5.93 -3.54 8.61
C GLU A 215 -5.45 -3.85 7.21
N ASP A 216 -4.28 -3.39 6.83
CA ASP A 216 -3.79 -3.63 5.47
C ASP A 216 -3.36 -5.06 5.21
N VAL A 217 -3.58 -5.49 3.98
CA VAL A 217 -3.05 -6.74 3.46
C VAL A 217 -1.71 -6.42 2.84
N SER A 218 -0.66 -6.55 3.62
CA SER A 218 0.69 -6.20 3.19
C SER A 218 1.64 -6.64 4.28
N LEU A 219 2.92 -6.61 3.96
CA LEU A 219 3.99 -6.64 4.98
C LEU A 219 4.10 -5.23 5.57
N ILE A 220 4.38 -4.24 4.71
CA ILE A 220 4.25 -2.84 5.03
C ILE A 220 3.59 -2.15 3.84
N THR A 221 3.05 -0.96 4.09
CA THR A 221 2.42 -0.11 3.09
C THR A 221 3.18 1.18 3.03
N VAL A 222 3.48 1.67 1.83
CA VAL A 222 4.35 2.82 1.58
C VAL A 222 3.54 3.78 0.71
N LEU A 223 3.01 4.81 1.32
CA LEU A 223 1.96 5.62 0.72
C LEU A 223 2.34 7.06 0.46
N TYR A 224 2.14 7.54 -0.76
CA TYR A 224 2.12 8.96 -1.07
C TYR A 224 0.69 9.40 -1.25
N GLN A 225 0.28 10.46 -0.58
CA GLN A 225 -1.05 11.05 -0.73
C GLN A 225 -0.92 12.53 -0.96
N SER A 226 -1.93 13.16 -1.58
CA SER A 226 -2.02 14.63 -1.69
C SER A 226 -1.95 15.25 -0.31
N ASN A 227 -1.75 16.57 -0.28
CA ASN A 227 -1.65 17.24 0.99
C ASN A 227 -3.04 17.69 1.46
N VAL A 228 -3.92 16.74 1.76
CA VAL A 228 -5.29 16.92 2.21
C VAL A 228 -5.53 15.90 3.33
N GLN A 229 -5.77 16.35 4.55
CA GLN A 229 -5.95 15.45 5.69
C GLN A 229 -7.17 14.53 5.50
N ASN A 230 -6.99 13.23 5.76
CA ASN A 230 -8.10 12.27 5.60
C ASN A 230 -8.00 11.02 6.39
N LEU A 231 -6.80 10.55 6.72
CA LEU A 231 -6.66 9.22 7.37
C LEU A 231 -6.84 9.32 8.88
N GLN A 232 -7.42 8.29 9.49
CA GLN A 232 -7.48 8.21 10.93
C GLN A 232 -7.00 6.82 11.38
N VAL A 233 -6.39 6.75 12.53
CA VAL A 233 -5.87 5.53 13.12
C VAL A 233 -6.55 5.30 14.46
N GLU A 234 -6.98 4.06 14.69
CA GLU A 234 -7.56 3.75 15.98
C GLU A 234 -6.45 3.54 17.00
N THR A 235 -6.60 4.19 18.15
CA THR A 235 -5.68 3.97 19.25
C THR A 235 -6.53 3.77 20.51
N ALA A 236 -5.84 3.62 21.63
CA ALA A 236 -6.49 3.49 22.95
C ALA A 236 -7.40 4.70 23.15
N ALA A 237 -6.90 5.88 22.79
CA ALA A 237 -7.66 7.12 22.91
C ALA A 237 -8.71 7.39 21.83
N GLY A 238 -9.06 6.37 21.04
CA GLY A 238 -10.08 6.47 20.01
C GLY A 238 -9.42 6.69 18.64
N TYR A 239 -10.23 7.02 17.65
CA TYR A 239 -9.68 7.35 16.35
C TYR A 239 -9.01 8.71 16.41
N GLN A 240 -7.79 8.81 15.88
CA GLN A 240 -7.02 10.04 15.86
C GLN A 240 -6.69 10.38 14.43
N ASP A 241 -6.60 11.66 14.09
CA ASP A 241 -6.31 12.13 12.75
C ASP A 241 -4.82 12.03 12.47
N ILE A 242 -4.48 11.45 11.32
CA ILE A 242 -3.10 11.45 10.82
C ILE A 242 -2.92 12.68 9.96
N GLU A 243 -1.96 13.53 10.32
CA GLU A 243 -1.73 14.75 9.57
C GLU A 243 -1.29 14.42 8.15
N ALA A 244 -1.60 15.34 7.24
CA ALA A 244 -1.13 15.26 5.88
C ALA A 244 0.30 15.74 5.81
N ASP A 245 0.99 15.29 4.76
CA ASP A 245 2.37 15.64 4.43
C ASP A 245 2.63 14.99 3.05
N ASP A 246 2.35 15.77 2.07
CA ASP A 246 2.66 15.34 0.72
C ASP A 246 4.12 15.81 0.29
N THR A 247 5.12 15.64 1.16
CA THR A 247 6.45 15.44 0.65
C THR A 247 6.97 14.08 1.20
N GLY A 248 6.47 13.62 2.33
CA GLY A 248 6.90 12.34 2.87
C GLY A 248 6.06 11.18 2.44
N TYR A 249 6.55 9.97 2.69
CA TYR A 249 5.77 8.76 2.50
C TYR A 249 5.22 8.30 3.85
N LEU A 250 3.93 8.02 3.94
CA LEU A 250 3.32 7.50 5.15
C LEU A 250 3.53 6.00 5.17
N ILE A 251 4.10 5.45 6.22
CA ILE A 251 4.46 4.03 6.34
C ILE A 251 3.68 3.41 7.47
N ASN A 252 3.14 2.21 7.26
CA ASN A 252 2.54 1.41 8.36
C ASN A 252 2.73 -0.05 8.04
N CYS A 253 2.66 -0.88 9.06
CA CYS A 253 2.65 -2.31 8.88
C CYS A 253 1.32 -2.88 8.48
N GLY A 254 1.35 -3.98 7.72
CA GLY A 254 0.18 -4.75 7.41
C GLY A 254 0.12 -6.02 8.26
N SER A 255 -0.91 -6.78 8.01
CA SER A 255 -1.17 -7.92 8.88
C SER A 255 -0.13 -9.03 8.77
N TYR A 256 0.62 -9.12 7.69
CA TYR A 256 1.67 -10.14 7.63
C TYR A 256 2.75 -9.80 8.65
N MET A 257 3.09 -8.53 8.83
CA MET A 257 4.08 -8.16 9.85
C MET A 257 3.56 -8.48 11.22
N ALA A 258 2.29 -8.22 11.47
CA ALA A 258 1.71 -8.54 12.76
C ALA A 258 1.82 -10.04 13.01
N HIS A 259 1.54 -10.85 12.02
CA HIS A 259 1.67 -12.29 12.17
C HIS A 259 3.10 -12.66 12.48
N LEU A 260 4.07 -12.17 11.75
CA LEU A 260 5.46 -12.58 11.94
C LEU A 260 6.03 -12.18 13.27
N THR A 261 5.57 -11.07 13.83
CA THR A 261 6.07 -10.51 15.06
C THR A 261 5.19 -10.82 16.28
N ASN A 262 4.20 -11.67 16.09
CA ASN A 262 3.22 -11.96 17.16
C ASN A 262 2.66 -10.69 17.76
N ASN A 263 2.25 -9.79 16.88
CA ASN A 263 1.57 -8.54 17.24
C ASN A 263 2.48 -7.55 17.97
N TYR A 264 3.80 -7.75 18.01
CA TYR A 264 4.70 -6.76 18.56
C TYR A 264 4.58 -5.48 17.75
N TYR A 265 4.63 -5.66 16.41
CA TYR A 265 4.30 -4.58 15.50
C TYR A 265 2.93 -4.91 14.95
N LYS A 266 1.91 -4.30 15.53
CA LYS A 266 0.55 -4.52 15.11
C LYS A 266 0.33 -3.92 13.73
N ALA A 267 -0.65 -4.43 13.00
CA ALA A 267 -1.17 -3.77 11.82
C ALA A 267 -2.21 -2.77 12.32
N PRO A 268 -1.92 -1.50 12.24
CA PRO A 268 -2.88 -0.54 12.80
C PRO A 268 -4.17 -0.53 12.08
N ILE A 269 -5.27 -0.44 12.79
CA ILE A 269 -6.60 -0.25 12.21
C ILE A 269 -6.74 1.21 11.84
N HIS A 270 -7.14 1.44 10.64
CA HIS A 270 -7.28 2.80 10.14
C HIS A 270 -8.42 2.85 9.17
N ARG A 271 -8.83 4.08 8.85
CA ARG A 271 -9.97 4.37 7.97
C ARG A 271 -9.77 5.68 7.24
N VAL A 272 -10.51 5.86 6.18
CA VAL A 272 -10.41 7.03 5.31
C VAL A 272 -11.65 7.90 5.45
N LYS A 273 -11.49 9.12 5.95
CA LYS A 273 -12.59 10.04 6.05
C LYS A 273 -13.02 10.50 4.67
N TRP A 274 -14.32 10.76 4.55
CA TRP A 274 -14.85 11.45 3.40
C TRP A 274 -14.39 12.89 3.39
N VAL A 275 -13.79 13.28 2.28
CA VAL A 275 -13.45 14.67 2.08
C VAL A 275 -13.88 14.99 0.64
N ASN A 276 -14.58 16.12 0.42
CA ASN A 276 -14.98 16.52 -0.90
C ASN A 276 -13.87 17.33 -1.54
N ALA A 277 -12.90 16.62 -2.09
CA ALA A 277 -11.70 17.20 -2.66
C ALA A 277 -11.18 16.32 -3.77
N GLU A 278 -10.66 16.91 -4.81
CA GLU A 278 -9.96 16.21 -5.88
C GLU A 278 -8.59 15.90 -5.39
N ARG A 279 -8.29 14.66 -5.09
CA ARG A 279 -7.03 14.25 -4.53
C ARG A 279 -6.59 12.87 -4.99
N GLN A 280 -5.39 12.56 -4.59
CA GLN A 280 -4.72 11.32 -4.95
C GLN A 280 -4.29 10.57 -3.76
N SER A 281 -4.36 9.23 -3.88
CA SER A 281 -3.85 8.30 -2.89
C SER A 281 -3.10 7.22 -3.64
N LEU A 282 -1.79 7.12 -3.47
CA LEU A 282 -0.92 6.27 -4.29
C LEU A 282 -0.18 5.31 -3.45
N PRO A 283 -0.81 4.26 -2.92
CA PRO A 283 -0.10 3.28 -2.10
C PRO A 283 0.72 2.32 -2.89
N PHE A 284 1.82 1.87 -2.29
CA PHE A 284 2.62 0.71 -2.71
C PHE A 284 2.48 -0.30 -1.61
N PHE A 285 1.85 -1.43 -1.91
CA PHE A 285 1.71 -2.52 -0.95
C PHE A 285 2.92 -3.41 -1.09
N VAL A 286 3.72 -3.49 -0.05
CA VAL A 286 4.95 -4.28 -0.03
C VAL A 286 4.59 -5.73 0.30
N ASN A 287 4.56 -6.55 -0.74
CA ASN A 287 4.26 -7.99 -0.67
C ASN A 287 5.52 -8.75 -1.02
N LEU A 288 5.73 -9.93 -0.42
CA LEU A 288 6.86 -10.80 -0.73
C LEU A 288 6.57 -11.67 -1.95
N GLY A 289 7.35 -12.73 -2.12
CA GLY A 289 7.12 -13.66 -3.24
C GLY A 289 6.09 -14.69 -2.86
N TYR A 290 5.53 -15.39 -3.84
CA TYR A 290 4.48 -16.35 -3.60
C TYR A 290 4.82 -17.46 -2.60
N ASP A 291 6.02 -17.95 -2.66
CA ASP A 291 6.41 -19.04 -1.78
C ASP A 291 7.23 -18.57 -0.60
N SER A 292 7.37 -17.26 -0.39
CA SER A 292 8.13 -16.73 0.73
C SER A 292 7.47 -17.11 2.03
N VAL A 293 8.25 -17.70 2.94
CA VAL A 293 7.75 -18.03 4.25
C VAL A 293 8.83 -17.59 5.21
N ILE A 294 8.42 -16.78 6.17
CA ILE A 294 9.28 -16.43 7.29
C ILE A 294 8.73 -17.08 8.55
N ASP A 295 9.56 -17.77 9.32
CA ASP A 295 9.09 -18.36 10.54
C ASP A 295 8.69 -17.28 11.53
N PRO A 296 7.47 -17.38 12.04
CA PRO A 296 7.04 -16.41 13.02
C PRO A 296 7.89 -16.40 14.29
N PHE A 297 8.07 -15.25 14.90
CA PHE A 297 8.89 -15.10 16.11
C PHE A 297 8.22 -14.11 17.02
N ASP A 298 8.80 -13.87 18.20
CA ASP A 298 8.22 -12.97 19.18
C ASP A 298 9.32 -12.21 19.92
N PRO A 299 9.54 -10.97 19.53
CA PRO A 299 10.59 -10.12 20.12
C PRO A 299 10.36 -9.64 21.56
N ARG A 300 9.21 -10.05 22.10
CA ARG A 300 8.91 -9.82 23.52
C ARG A 300 9.12 -11.07 24.37
N GLU A 301 9.41 -12.20 23.75
CA GLU A 301 9.65 -13.44 24.48
C GLU A 301 11.13 -13.79 24.59
N PRO A 302 11.56 -14.15 25.81
CA PRO A 302 12.97 -14.46 25.97
C PRO A 302 13.58 -15.39 24.93
N ASN A 303 12.93 -16.52 24.67
CA ASN A 303 13.47 -17.46 23.70
C ASN A 303 13.11 -17.12 22.25
N GLY A 304 12.42 -15.98 22.02
CA GLY A 304 12.02 -15.52 20.69
C GLY A 304 10.93 -16.33 19.98
N LYS A 305 10.43 -17.40 20.61
CA LYS A 305 9.49 -18.31 19.95
C LYS A 305 8.07 -17.81 19.98
N SER A 306 7.34 -18.22 18.95
CA SER A 306 5.95 -17.84 18.78
C SER A 306 5.07 -19.08 18.59
N ASP A 307 3.82 -19.02 19.05
CA ASP A 307 2.87 -20.12 18.81
C ASP A 307 1.98 -19.88 17.59
N ARG A 308 2.48 -19.14 16.64
CA ARG A 308 1.86 -18.99 15.34
C ARG A 308 2.50 -19.93 14.33
N GLU A 309 1.72 -20.43 13.41
CA GLU A 309 2.26 -21.29 12.39
C GLU A 309 2.74 -20.50 11.18
N PRO A 310 3.77 -21.01 10.54
CA PRO A 310 4.24 -20.36 9.31
C PRO A 310 3.14 -20.31 8.26
N LEU A 311 3.14 -19.22 7.50
CA LEU A 311 2.14 -18.92 6.51
C LEU A 311 2.90 -18.40 5.30
N SER A 312 2.73 -19.02 4.15
CA SER A 312 3.40 -18.52 2.95
C SER A 312 2.72 -17.23 2.56
N TYR A 313 3.54 -16.38 1.94
CA TYR A 313 3.01 -15.07 1.54
C TYR A 313 1.90 -15.17 0.51
N GLY A 314 2.03 -16.11 -0.43
CA GLY A 314 1.00 -16.31 -1.42
C GLY A 314 -0.33 -16.73 -0.82
N ASP A 315 -0.30 -17.61 0.20
CA ASP A 315 -1.52 -18.03 0.93
C ASP A 315 -2.14 -16.82 1.67
N TYR A 316 -1.27 -16.06 2.31
CA TYR A 316 -1.73 -14.87 3.01
C TYR A 316 -2.43 -13.90 2.10
N LEU A 317 -1.75 -13.62 0.97
CA LEU A 317 -2.22 -12.59 0.05
C LEU A 317 -3.51 -12.98 -0.64
N GLN A 318 -3.57 -14.21 -1.15
CA GLN A 318 -4.77 -14.61 -1.87
C GLN A 318 -5.98 -14.54 -0.92
N ASN A 319 -5.82 -15.03 0.30
CA ASN A 319 -6.92 -15.00 1.27
C ASN A 319 -7.26 -13.57 1.69
N GLY A 320 -6.25 -12.74 1.88
CA GLY A 320 -6.51 -11.39 2.33
C GLY A 320 -7.24 -10.49 1.37
N LEU A 321 -6.89 -10.57 0.11
CA LEU A 321 -7.46 -9.61 -0.84
C LEU A 321 -8.95 -9.85 -0.98
N VAL A 322 -9.32 -11.13 -1.00
CA VAL A 322 -10.74 -11.52 -1.07
C VAL A 322 -11.50 -11.04 0.17
N SER A 323 -10.92 -11.27 1.33
CA SER A 323 -11.55 -10.90 2.58
C SER A 323 -11.76 -9.39 2.69
N LEU A 324 -10.81 -8.60 2.25
CA LEU A 324 -10.94 -7.17 2.33
C LEU A 324 -12.09 -6.66 1.44
N ILE A 325 -12.24 -7.25 0.25
CA ILE A 325 -13.36 -6.93 -0.65
C ILE A 325 -14.69 -7.31 -0.01
N ASN A 326 -14.75 -8.48 0.61
CA ASN A 326 -15.99 -8.89 1.24
C ASN A 326 -16.35 -7.94 2.39
N LYS A 327 -15.36 -7.55 3.18
CA LYS A 327 -15.60 -6.68 4.33
C LYS A 327 -15.94 -5.24 3.94
N ASN A 328 -15.08 -4.62 3.12
CA ASN A 328 -15.24 -3.19 2.84
C ASN A 328 -15.73 -2.81 1.44
N GLY A 329 -16.02 -3.82 0.61
CA GLY A 329 -16.54 -3.65 -0.72
C GLY A 329 -15.52 -3.64 -1.85
N GLN A 330 -15.99 -3.91 -3.06
CA GLN A 330 -15.10 -3.86 -4.22
C GLN A 330 -14.75 -2.41 -4.54
N THR A 331 -13.45 -2.10 -4.56
CA THR A 331 -12.96 -0.74 -4.85
C THR A 331 -13.02 -0.46 -6.34
FE FE2 B . -4.93 0.85 4.55
O43 CDH C . -6.95 5.88 -0.07
O43 CDH C . -6.78 5.88 0.15
C31 CDH C . -7.38 4.73 0.12
C31 CDH C . -7.30 4.75 0.16
O42 CDH C . -8.60 4.46 0.12
O42 CDH C . -8.53 4.58 0.16
C30 CDH C . -6.35 3.60 0.35
C30 CDH C . -6.31 3.58 0.19
C32 CDH C . -5.05 4.18 1.11
C32 CDH C . -5.07 3.98 1.12
C37 CDH C . -4.94 5.22 1.74
C37 CDH C . -4.88 5.04 1.67
C33 CDH C . -3.82 3.30 1.07
C33 CDH C . -4.01 2.90 1.37
N29 CDH C . -7.07 2.41 0.77
N29 CDH C . -6.99 2.29 0.31
C13 CDH C . -7.66 1.52 -0.06
C13 CDH C . -6.46 1.16 -0.20
O18 CDH C . -8.20 1.89 -1.08
O18 CDH C . -5.61 1.25 -1.04
C12 CDH C . -7.64 0.06 0.41
C12 CDH C . -7.09 -0.16 0.31
C16 CDH C . -7.16 -0.08 1.87
C16 CDH C . -6.99 -0.28 1.84
S CDH C . -5.46 0.49 2.23
S CDH C . -5.26 -0.27 2.45
N30 CDH C . -6.77 -0.69 -0.52
N30 CDH C . -6.39 -1.35 -0.24
C25 CDH C . -7.12 -1.80 -1.18
C25 CDH C . -6.95 -2.32 -0.96
O25 CDH C . -8.30 -1.87 -1.49
O25 CDH C . -8.14 -2.06 -1.20
C24 CDH C . -6.06 -2.86 -1.44
C24 CDH C . -6.29 -3.66 -1.38
C23 CDH C . -5.73 -2.90 -2.94
C23 CDH C . -4.93 -3.79 -2.14
C22 CDH C . -4.79 -4.10 -3.29
C22 CDH C . -5.39 -4.13 -3.59
C21 CDH C . -4.57 -4.01 -4.80
C21 CDH C . -4.57 -4.31 -4.88
N31 CDH C . -5.97 -3.63 -5.50
N31 CDH C . -5.80 -4.46 -5.91
C20 CDH C . -3.84 -5.26 -5.30
C20 CDH C . -3.62 -5.53 -4.99
O20 CDH C . -4.40 -6.07 -6.08
O20 CDH C . -4.10 -6.47 -5.71
O21 CDH C . -2.72 -5.37 -4.82
O21 CDH C . -2.55 -5.54 -4.36
S SO4 D . -1.46 18.64 -3.37
O1 SO4 D . -1.67 18.37 -4.79
O2 SO4 D . -0.76 17.63 -2.59
O3 SO4 D . -0.73 19.91 -3.24
O4 SO4 D . -2.75 18.80 -2.70
#